data_1UNO
# 
_entry.id   1UNO 
# 
_audit_conform.dict_name       mmcif_pdbx.dic 
_audit_conform.dict_version    5.397 
_audit_conform.dict_location   http://mmcif.pdb.org/dictionaries/ascii/mmcif_pdbx.dic 
# 
loop_
_database_2.database_id 
_database_2.database_code 
_database_2.pdbx_database_accession 
_database_2.pdbx_DOI 
PDB   1UNO         pdb_00001uno 10.2210/pdb1uno/pdb 
PDBE  EBI-13490    ?            ?                   
WWPDB D_1290013490 ?            ?                   
# 
loop_
_pdbx_audit_revision_history.ordinal 
_pdbx_audit_revision_history.data_content_type 
_pdbx_audit_revision_history.major_revision 
_pdbx_audit_revision_history.minor_revision 
_pdbx_audit_revision_history.revision_date 
1 'Structure model' 1 0 2004-09-24 
2 'Structure model' 1 1 2012-11-30 
3 'Structure model' 1 2 2017-02-08 
4 'Structure model' 1 3 2019-05-08 
5 'Structure model' 1 4 2019-05-22 
6 'Structure model' 1 5 2019-07-24 
7 'Structure model' 1 6 2024-10-23 
# 
_pdbx_audit_revision_details.ordinal             1 
_pdbx_audit_revision_details.revision_ordinal    1 
_pdbx_audit_revision_details.data_content_type   'Structure model' 
_pdbx_audit_revision_details.provider            repository 
_pdbx_audit_revision_details.type                'Initial release' 
_pdbx_audit_revision_details.description         ? 
_pdbx_audit_revision_details.details             ? 
# 
loop_
_pdbx_audit_revision_group.ordinal 
_pdbx_audit_revision_group.revision_ordinal 
_pdbx_audit_revision_group.data_content_type 
_pdbx_audit_revision_group.group 
1  2 'Structure model' Other                       
2  3 'Structure model' 'Derived calculations'      
3  3 'Structure model' 'Non-polymer description'   
4  3 'Structure model' Other                       
5  3 'Structure model' 'Source and taxonomy'       
6  3 'Structure model' 'Version format compliance' 
7  4 'Structure model' 'Data collection'           
8  4 'Structure model' 'Derived calculations'      
9  4 'Structure model' 'Experimental preparation'  
10 4 'Structure model' Other                       
11 5 'Structure model' 'Data collection'           
12 5 'Structure model' 'Refinement description'    
13 6 'Structure model' 'Data collection'           
14 7 'Structure model' 'Data collection'           
15 7 'Structure model' 'Database references'       
16 7 'Structure model' Other                       
17 7 'Structure model' 'Structure summary'         
# 
loop_
_pdbx_audit_revision_category.ordinal 
_pdbx_audit_revision_category.revision_ordinal 
_pdbx_audit_revision_category.data_content_type 
_pdbx_audit_revision_category.category 
1  4 'Structure model' database_PDB_rev        
2  4 'Structure model' database_PDB_rev_record 
3  4 'Structure model' exptl_crystal_grow      
4  4 'Structure model' pdbx_database_proc      
5  4 'Structure model' pdbx_database_status    
6  4 'Structure model' struct_conn             
7  5 'Structure model' refine                  
8  6 'Structure model' diffrn_source           
9  7 'Structure model' chem_comp_atom          
10 7 'Structure model' chem_comp_bond          
11 7 'Structure model' database_2              
12 7 'Structure model' pdbx_database_status    
13 7 'Structure model' pdbx_entry_details      
# 
loop_
_pdbx_audit_revision_item.ordinal 
_pdbx_audit_revision_item.revision_ordinal 
_pdbx_audit_revision_item.data_content_type 
_pdbx_audit_revision_item.item 
1 4 'Structure model' '_exptl_crystal_grow.method'                  
2 4 'Structure model' '_pdbx_database_status.recvd_author_approval' 
3 4 'Structure model' '_struct_conn.pdbx_leaving_atom_flag'         
4 5 'Structure model' '_refine.pdbx_ls_cross_valid_method'          
5 6 'Structure model' '_diffrn_source.pdbx_synchrotron_site'        
6 7 'Structure model' '_database_2.pdbx_DOI'                        
7 7 'Structure model' '_database_2.pdbx_database_accession'         
8 7 'Structure model' '_pdbx_database_status.status_code_sf'        
# 
_pdbx_database_status.status_code                     REL 
_pdbx_database_status.entry_id                        1UNO 
_pdbx_database_status.deposit_site                    PDBE 
_pdbx_database_status.process_site                    PDBE 
_pdbx_database_status.SG_entry                        . 
_pdbx_database_status.recvd_initial_deposition_date   2003-09-11 
_pdbx_database_status.pdb_format_compatible           Y 
_pdbx_database_status.status_code_sf                  REL 
_pdbx_database_status.status_code_mr                  ? 
_pdbx_database_status.status_code_cs                  ? 
_pdbx_database_status.methods_development_category    ? 
_pdbx_database_status.status_code_nmr_data            ? 
# 
loop_
_audit_author.name 
_audit_author.pdbx_ordinal 
'Alexopoulos, E.'  1 
'Kuesel, A.'       2 
'Uson, I.'         3 
'Diederichsen, U.' 4 
'Sheldrick, G.M.'  5 
# 
_citation.id                        primary 
_citation.title                     'Solution and Structure of an Alternating D,L-Peptide' 
_citation.journal_abbrev            'Acta Crystallogr.,Sect.D' 
_citation.journal_volume            60 
_citation.page_first                1971 
_citation.page_last                 ? 
_citation.year                      2004 
_citation.journal_id_ASTM           ABCRE6 
_citation.country                   DK 
_citation.journal_id_ISSN           0907-4449 
_citation.journal_id_CSD            0766 
_citation.book_publisher            ? 
_citation.pdbx_database_id_PubMed   15502304 
_citation.pdbx_database_id_DOI      10.1107/S0907444904022292 
# 
loop_
_citation_author.citation_id 
_citation_author.name 
_citation_author.ordinal 
_citation_author.identifier_ORCID 
primary 'Alexopoulos, E.'  1 ? 
primary 'Kuesel, A.'       2 ? 
primary 'Sheldrick, G.M.'  3 ? 
primary 'Diederichsen, U.' 4 ? 
primary 'Uson, I.'         5 ? 
# 
loop_
_entity.id 
_entity.type 
_entity.src_method 
_entity.pdbx_description 
_entity.formula_weight 
_entity.pdbx_number_of_molecules 
_entity.pdbx_ec 
_entity.pdbx_mutation 
_entity.pdbx_fragment 
_entity.details 
1 polymer syn 'H-(L-TYR-D-TYR)4-LYS-OH' 1452.585 2  ? ? ? ? 
2 water   nat water                     18.015   19 ? ? ? ? 
# 
_entity_poly.entity_id                      1 
_entity_poly.type                           'polypeptide(L)' 
_entity_poly.nstd_linkage                   no 
_entity_poly.nstd_monomer                   yes 
_entity_poly.pdbx_seq_one_letter_code       'Y(DTY)Y(DTY)Y(DTY)Y(DTY)K' 
_entity_poly.pdbx_seq_one_letter_code_can   YYYYYYYYK 
_entity_poly.pdbx_strand_id                 A,B 
_entity_poly.pdbx_target_identifier         ? 
# 
_pdbx_entity_nonpoly.entity_id   2 
_pdbx_entity_nonpoly.name        water 
_pdbx_entity_nonpoly.comp_id     HOH 
# 
loop_
_entity_poly_seq.entity_id 
_entity_poly_seq.num 
_entity_poly_seq.mon_id 
_entity_poly_seq.hetero 
1 1 TYR n 
1 2 DTY n 
1 3 TYR n 
1 4 DTY n 
1 5 TYR n 
1 6 DTY n 
1 7 TYR n 
1 8 DTY n 
1 9 LYS n 
# 
_pdbx_entity_src_syn.entity_id              1 
_pdbx_entity_src_syn.pdbx_src_id            1 
_pdbx_entity_src_syn.pdbx_alt_source_flag   sample 
_pdbx_entity_src_syn.pdbx_beg_seq_num       ? 
_pdbx_entity_src_syn.pdbx_end_seq_num       ? 
_pdbx_entity_src_syn.organism_scientific    'SYNTHETIC CONSTRUCT' 
_pdbx_entity_src_syn.organism_common_name   ? 
_pdbx_entity_src_syn.ncbi_taxonomy_id       32630 
_pdbx_entity_src_syn.details                ? 
# 
loop_
_chem_comp.id 
_chem_comp.type 
_chem_comp.mon_nstd_flag 
_chem_comp.name 
_chem_comp.pdbx_synonyms 
_chem_comp.formula 
_chem_comp.formula_weight 
DTY 'D-peptide linking' . D-TYROSINE ? 'C9 H11 N O3'    181.189 
HOH non-polymer         . WATER      ? 'H2 O'           18.015  
LYS 'L-peptide linking' y LYSINE     ? 'C6 H15 N2 O2 1' 147.195 
TYR 'L-peptide linking' y TYROSINE   ? 'C9 H11 N O3'    181.189 
# 
loop_
_pdbx_poly_seq_scheme.asym_id 
_pdbx_poly_seq_scheme.entity_id 
_pdbx_poly_seq_scheme.seq_id 
_pdbx_poly_seq_scheme.mon_id 
_pdbx_poly_seq_scheme.ndb_seq_num 
_pdbx_poly_seq_scheme.pdb_seq_num 
_pdbx_poly_seq_scheme.auth_seq_num 
_pdbx_poly_seq_scheme.pdb_mon_id 
_pdbx_poly_seq_scheme.auth_mon_id 
_pdbx_poly_seq_scheme.pdb_strand_id 
_pdbx_poly_seq_scheme.pdb_ins_code 
_pdbx_poly_seq_scheme.hetero 
A 1 1 TYR 1 1 1 TYR TYR A . n 
A 1 2 DTY 2 2 2 DTY DTY A . n 
A 1 3 TYR 3 3 3 TYR TYR A . n 
A 1 4 DTY 4 4 4 DTY DTY A . n 
A 1 5 TYR 5 5 5 TYR TYR A . n 
A 1 6 DTY 6 6 6 DTY DTY A . n 
A 1 7 TYR 7 7 7 TYR TYR A . n 
A 1 8 DTY 8 8 8 DTY DTY A . n 
A 1 9 LYS 9 9 9 LYS LYS A . n 
B 1 1 TYR 1 1 1 TYR TYR B . n 
B 1 2 DTY 2 2 2 DTY DTY B . n 
B 1 3 TYR 3 3 3 TYR TYR B . n 
B 1 4 DTY 4 4 4 DTY DTY B . n 
B 1 5 TYR 5 5 5 TYR TYR B . n 
B 1 6 DTY 6 6 6 DTY DTY B . n 
B 1 7 TYR 7 7 7 TYR TYR B . n 
B 1 8 DTY 8 8 8 DTY DTY B . n 
B 1 9 LYS 9 9 9 LYS LYS B . n 
# 
loop_
_pdbx_nonpoly_scheme.asym_id 
_pdbx_nonpoly_scheme.entity_id 
_pdbx_nonpoly_scheme.mon_id 
_pdbx_nonpoly_scheme.ndb_seq_num 
_pdbx_nonpoly_scheme.pdb_seq_num 
_pdbx_nonpoly_scheme.auth_seq_num 
_pdbx_nonpoly_scheme.pdb_mon_id 
_pdbx_nonpoly_scheme.auth_mon_id 
_pdbx_nonpoly_scheme.pdb_strand_id 
_pdbx_nonpoly_scheme.pdb_ins_code 
C 2 HOH 1  2001 2001 HOH HOH A . 
C 2 HOH 2  2002 2002 HOH HOH A . 
C 2 HOH 3  2003 2003 HOH HOH A . 
C 2 HOH 4  2004 2004 HOH HOH A . 
C 2 HOH 5  2005 2005 HOH HOH A . 
C 2 HOH 6  2006 2006 HOH HOH A . 
C 2 HOH 7  2007 2007 HOH HOH A . 
C 2 HOH 8  2008 2008 HOH HOH A . 
C 2 HOH 9  2009 2009 HOH HOH A . 
D 2 HOH 1  2001 2001 HOH HOH B . 
D 2 HOH 2  2002 2002 HOH HOH B . 
D 2 HOH 3  2003 2003 HOH HOH B . 
D 2 HOH 4  2004 2004 HOH HOH B . 
D 2 HOH 5  2005 2005 HOH HOH B . 
D 2 HOH 6  2006 2006 HOH HOH B . 
D 2 HOH 7  2007 2007 HOH HOH B . 
D 2 HOH 8  2008 2008 HOH HOH B . 
D 2 HOH 9  2009 2009 HOH HOH B . 
D 2 HOH 10 2010 2010 HOH HOH B . 
# 
loop_
_software.name 
_software.classification 
_software.version 
_software.citation_id 
_software.pdbx_ordinal 
SHELXL-97 refinement       . ? 1 
DENZO     'data reduction' . ? 2 
SCALEPACK 'data scaling'   . ? 3 
SHELXD    phasing          . ? 4 
# 
_cell.entry_id           1UNO 
_cell.length_a           27.990 
_cell.length_b           27.990 
_cell.length_c           78.930 
_cell.angle_alpha        90.00 
_cell.angle_beta         90.00 
_cell.angle_gamma        90.00 
_cell.Z_PDB              16 
_cell.pdbx_unique_axis   ? 
# 
_symmetry.entry_id                         1UNO 
_symmetry.space_group_name_H-M             'P 43 21 2' 
_symmetry.pdbx_full_space_group_name_H-M   ? 
_symmetry.cell_setting                     ? 
_symmetry.Int_Tables_number                96 
# 
_exptl.entry_id          1UNO 
_exptl.method            'X-RAY DIFFRACTION' 
_exptl.crystals_number   2 
# 
_exptl_crystal.id                    1 
_exptl_crystal.density_meas          ? 
_exptl_crystal.density_Matthews      2.66 
_exptl_crystal.density_percent_sol   40 
_exptl_crystal.description           ? 
# 
_exptl_crystal_grow.crystal_id      1 
_exptl_crystal_grow.method          'VAPOR DIFFUSION, HANGING DROP' 
_exptl_crystal_grow.temp            ? 
_exptl_crystal_grow.temp_details    ? 
_exptl_crystal_grow.pH              7.50 
_exptl_crystal_grow.pdbx_pH_range   ? 
_exptl_crystal_grow.pdbx_details    '(NH4)2SO4,MPD,HEPES, PH 7.5,HANGING DROP' 
# 
_diffrn.id                     1 
_diffrn.ambient_temp           100.0 
_diffrn.ambient_temp_details   ? 
_diffrn.crystal_id             1 
# 
_diffrn_detector.diffrn_id              1 
_diffrn_detector.detector               ? 
_diffrn_detector.type                   ? 
_diffrn_detector.pdbx_collection_date   2003-01-15 
_diffrn_detector.details                ? 
# 
_diffrn_radiation.diffrn_id                        1 
_diffrn_radiation.wavelength_id                    1 
_diffrn_radiation.pdbx_monochromatic_or_laue_m_l   M 
_diffrn_radiation.monochromator                    ? 
_diffrn_radiation.pdbx_diffrn_protocol             'SINGLE WAVELENGTH' 
_diffrn_radiation.pdbx_scattering_type             x-ray 
# 
_diffrn_radiation_wavelength.id           1 
_diffrn_radiation_wavelength.wavelength   0.8015 
_diffrn_radiation_wavelength.wt           1.0 
# 
_diffrn_source.diffrn_id                   1 
_diffrn_source.source                      SYNCHROTRON 
_diffrn_source.type                        'EMBL/DESY, HAMBURG BEAMLINE X13' 
_diffrn_source.pdbx_synchrotron_site       'EMBL/DESY, HAMBURG' 
_diffrn_source.pdbx_synchrotron_beamline   X13 
_diffrn_source.pdbx_wavelength             0.8015 
_diffrn_source.pdbx_wavelength_list        ? 
# 
_reflns.pdbx_diffrn_id               1 
_reflns.pdbx_ordinal                 1 
_reflns.entry_id                     1UNO 
_reflns.observed_criterion_sigma_I   ? 
_reflns.observed_criterion_sigma_F   ? 
_reflns.d_resolution_low             20.000 
_reflns.d_resolution_high            1.300 
_reflns.number_obs                   8289 
_reflns.number_all                   ? 
_reflns.percent_possible_obs         91.2 
_reflns.pdbx_Rmerge_I_obs            0.03390 
_reflns.pdbx_Rsym_value              ? 
_reflns.pdbx_netI_over_sigmaI        11.8200 
_reflns.B_iso_Wilson_estimate        ? 
_reflns.pdbx_redundancy              1.420 
# 
_reflns_shell.pdbx_diffrn_id         1 
_reflns_shell.pdbx_ordinal           1 
_reflns_shell.d_res_high             1.40 
_reflns_shell.d_res_low              1.50 
_reflns_shell.percent_possible_all   93.0 
_reflns_shell.Rmerge_I_obs           0.30830 
_reflns_shell.pdbx_Rsym_value        ? 
_reflns_shell.meanI_over_sigI_obs    2.420 
_reflns_shell.pdbx_redundancy        1.50 
# 
_refine.pdbx_refine_id                           'X-RAY DIFFRACTION' 
_refine.entry_id                                 1UNO 
_refine.pdbx_diffrn_id                           1 
_refine.pdbx_TLS_residual_ADP_flag               ? 
_refine.ls_number_reflns_obs                     ? 
_refine.ls_number_reflns_all                     8289 
_refine.pdbx_ls_sigma_I                          ? 
_refine.pdbx_ls_sigma_F                          0.0 
_refine.pdbx_data_cutoff_high_absF               ? 
_refine.pdbx_data_cutoff_low_absF                ? 
_refine.pdbx_data_cutoff_high_rms_absF           ? 
_refine.ls_d_res_low                             20 
_refine.ls_d_res_high                            1.4 
_refine.ls_percent_reflns_obs                    91.2 
_refine.ls_R_factor_obs                          0.2216 
_refine.ls_R_factor_all                          ? 
_refine.ls_R_factor_R_work                       ? 
_refine.ls_R_factor_R_free                       0.2493 
_refine.ls_R_factor_R_free_error                 ? 
_refine.ls_R_factor_R_free_error_details         ? 
_refine.ls_percent_reflns_R_free                 5 
_refine.ls_number_reflns_R_free                  406 
_refine.ls_number_parameters                     939 
_refine.ls_number_restraints                     907 
_refine.occupancy_min                            ? 
_refine.occupancy_max                            ? 
_refine.correlation_coeff_Fo_to_Fc               ? 
_refine.correlation_coeff_Fo_to_Fc_free          ? 
_refine.B_iso_mean                               ? 
_refine.aniso_B[1][1]                            ? 
_refine.aniso_B[2][2]                            ? 
_refine.aniso_B[3][3]                            ? 
_refine.aniso_B[1][2]                            ? 
_refine.aniso_B[1][3]                            ? 
_refine.aniso_B[2][3]                            ? 
_refine.solvent_model_details                    ? 
_refine.solvent_model_param_ksol                 ? 
_refine.solvent_model_param_bsol                 ? 
_refine.pdbx_solvent_vdw_probe_radii             ? 
_refine.pdbx_solvent_ion_probe_radii             ? 
_refine.pdbx_solvent_shrinkage_radii             ? 
_refine.pdbx_ls_cross_valid_method               'FREE R-VALUE' 
_refine.details                                  ? 
_refine.pdbx_starting_model                      ? 
_refine.pdbx_method_to_determine_struct          SIRAS 
_refine.pdbx_isotropic_thermal_model             ? 
_refine.pdbx_stereochemistry_target_values       'ENGH AND HUBER' 
_refine.pdbx_stereochem_target_val_spec_case     ? 
_refine.pdbx_R_Free_selection_details            'IN THIN SHELLS' 
_refine.pdbx_overall_ESU_R                       ? 
_refine.pdbx_overall_ESU_R_Free                  ? 
_refine.overall_SU_ML                            ? 
_refine.pdbx_overall_phase_error                 ? 
_refine.overall_SU_B                             ? 
_refine.overall_SU_R_Cruickshank_DPI             ? 
_refine.pdbx_overall_SU_R_free_Cruickshank_DPI   ? 
_refine.pdbx_overall_SU_R_Blow_DPI               ? 
_refine.pdbx_overall_SU_R_free_Blow_DPI          ? 
# 
_refine_analyze.pdbx_refine_id                  'X-RAY DIFFRACTION' 
_refine_analyze.entry_id                        1UNO 
_refine_analyze.Luzzati_coordinate_error_obs    ? 
_refine_analyze.Luzzati_sigma_a_obs             ? 
_refine_analyze.Luzzati_d_res_low_obs           ? 
_refine_analyze.Luzzati_coordinate_error_free   ? 
_refine_analyze.Luzzati_sigma_a_free            ? 
_refine_analyze.Luzzati_d_res_low_free          ? 
_refine_analyze.number_disordered_residues      0 
_refine_analyze.occupancy_sum_hydrogen          0 
_refine_analyze.occupancy_sum_non_hydrogen      231 
# 
_refine_hist.pdbx_refine_id                   'X-RAY DIFFRACTION' 
_refine_hist.cycle_id                         LAST 
_refine_hist.pdbx_number_atoms_protein        212 
_refine_hist.pdbx_number_atoms_nucleic_acid   0 
_refine_hist.pdbx_number_atoms_ligand         0 
_refine_hist.number_atoms_solvent             19 
_refine_hist.number_atoms_total               231 
_refine_hist.d_res_high                       1.4 
_refine_hist.d_res_low                        20 
# 
loop_
_refine_ls_restr.type 
_refine_ls_restr.dev_ideal 
_refine_ls_restr.dev_ideal_target 
_refine_ls_restr.weight 
_refine_ls_restr.number 
_refine_ls_restr.pdbx_refine_id 
_refine_ls_restr.pdbx_restraint_function 
s_bond_d               0.011 ? ? ? 'X-RAY DIFFRACTION' ? 
s_angle_d              0.028 ? ? ? 'X-RAY DIFFRACTION' ? 
s_similar_dist         ?     ? ? ? 'X-RAY DIFFRACTION' ? 
s_from_restr_planes    0.179 ? ? ? 'X-RAY DIFFRACTION' ? 
s_zero_chiral_vol      0.072 ? ? ? 'X-RAY DIFFRACTION' ? 
s_non_zero_chiral_vol  0.100 ? ? ? 'X-RAY DIFFRACTION' ? 
s_anti_bump_dis_restr  0.020 ? ? ? 'X-RAY DIFFRACTION' ? 
s_rigid_bond_adp_cmpnt ?     ? ? ? 'X-RAY DIFFRACTION' ? 
s_similar_adp_cmpnt    0.046 ? ? ? 'X-RAY DIFFRACTION' ? 
s_approx_iso_adps      ?     ? ? ? 'X-RAY DIFFRACTION' ? 
# 
_pdbx_refine.pdbx_refine_id                              'X-RAY DIFFRACTION' 
_pdbx_refine.entry_id                                    1UNO 
_pdbx_refine.R_factor_all_no_cutoff                      ? 
_pdbx_refine.R_factor_obs_no_cutoff                      0.2216 
_pdbx_refine.free_R_factor_no_cutoff                     0.2493 
_pdbx_refine.free_R_error_no_cutoff                      ? 
_pdbx_refine.free_R_val_test_set_size_perc_no_cutoff     5 
_pdbx_refine.free_R_val_test_set_ct_no_cutoff            406 
_pdbx_refine.R_factor_all_4sig_cutoff                    ? 
_pdbx_refine.R_factor_obs_4sig_cutoff                    0.1971 
_pdbx_refine.free_R_factor_4sig_cutoff                   0.2332 
_pdbx_refine.free_R_val_test_set_size_perc_4sig_cutoff   5.3 
_pdbx_refine.free_R_val_test_set_ct_4sig_cutoff          319 
_pdbx_refine.number_reflns_obs_4sig_cutoff               6046 
# 
_struct.entry_id                  1UNO 
_struct.title                     'Crystal structure of a d,l-alternating peptide' 
_struct.pdbx_model_details        ? 
_struct.pdbx_CASP_flag            ? 
_struct.pdbx_model_type_details   ? 
# 
_struct_keywords.entry_id        1UNO 
_struct_keywords.pdbx_keywords   'D-L PEPTIDE' 
_struct_keywords.text            'D-L PEPTIDE, D, L-ALTERNATING PEPTIDE, BETA-HELIX' 
# 
loop_
_struct_asym.id 
_struct_asym.pdbx_blank_PDB_chainid_flag 
_struct_asym.pdbx_modified 
_struct_asym.entity_id 
_struct_asym.details 
A N N 1 ? 
B N N 1 ? 
C N N 2 ? 
D N N 2 ? 
# 
_struct_ref.id                         1 
_struct_ref.db_name                    PDB 
_struct_ref.db_code                    1UNO 
_struct_ref.entity_id                  1 
_struct_ref.pdbx_seq_one_letter_code   ? 
_struct_ref.pdbx_align_begin           ? 
_struct_ref.pdbx_db_accession          1UNO 
_struct_ref.pdbx_db_isoform            ? 
# 
loop_
_struct_ref_seq.align_id 
_struct_ref_seq.ref_id 
_struct_ref_seq.pdbx_PDB_id_code 
_struct_ref_seq.pdbx_strand_id 
_struct_ref_seq.seq_align_beg 
_struct_ref_seq.pdbx_seq_align_beg_ins_code 
_struct_ref_seq.seq_align_end 
_struct_ref_seq.pdbx_seq_align_end_ins_code 
_struct_ref_seq.pdbx_db_accession 
_struct_ref_seq.db_align_beg 
_struct_ref_seq.pdbx_db_align_beg_ins_code 
_struct_ref_seq.db_align_end 
_struct_ref_seq.pdbx_db_align_end_ins_code 
_struct_ref_seq.pdbx_auth_seq_align_beg 
_struct_ref_seq.pdbx_auth_seq_align_end 
1 1 1UNO A 1 ? 9 ? 1UNO 1 ? 9 ? 1 9 
2 1 1UNO B 1 ? 9 ? 1UNO 1 ? 9 ? 1 9 
# 
_pdbx_struct_assembly.id                   1 
_pdbx_struct_assembly.details              author_and_software_defined_assembly 
_pdbx_struct_assembly.method_details       PQS 
_pdbx_struct_assembly.oligomeric_details   dimeric 
_pdbx_struct_assembly.oligomeric_count     2 
# 
_pdbx_struct_assembly_gen.assembly_id       1 
_pdbx_struct_assembly_gen.oper_expression   1 
_pdbx_struct_assembly_gen.asym_id_list      A,B,C,D 
# 
_pdbx_struct_oper_list.id                   1 
_pdbx_struct_oper_list.type                 'identity operation' 
_pdbx_struct_oper_list.name                 1_555 
_pdbx_struct_oper_list.symmetry_operation   x,y,z 
_pdbx_struct_oper_list.matrix[1][1]         1.0000000000 
_pdbx_struct_oper_list.matrix[1][2]         0.0000000000 
_pdbx_struct_oper_list.matrix[1][3]         0.0000000000 
_pdbx_struct_oper_list.vector[1]            0.0000000000 
_pdbx_struct_oper_list.matrix[2][1]         0.0000000000 
_pdbx_struct_oper_list.matrix[2][2]         1.0000000000 
_pdbx_struct_oper_list.matrix[2][3]         0.0000000000 
_pdbx_struct_oper_list.vector[2]            0.0000000000 
_pdbx_struct_oper_list.matrix[3][1]         0.0000000000 
_pdbx_struct_oper_list.matrix[3][2]         0.0000000000 
_pdbx_struct_oper_list.matrix[3][3]         1.0000000000 
_pdbx_struct_oper_list.vector[3]            0.0000000000 
# 
_struct_biol.id   1 
# 
loop_
_struct_conn.id 
_struct_conn.conn_type_id 
_struct_conn.pdbx_leaving_atom_flag 
_struct_conn.pdbx_PDB_id 
_struct_conn.ptnr1_label_asym_id 
_struct_conn.ptnr1_label_comp_id 
_struct_conn.ptnr1_label_seq_id 
_struct_conn.ptnr1_label_atom_id 
_struct_conn.pdbx_ptnr1_label_alt_id 
_struct_conn.pdbx_ptnr1_PDB_ins_code 
_struct_conn.pdbx_ptnr1_standard_comp_id 
_struct_conn.ptnr1_symmetry 
_struct_conn.ptnr2_label_asym_id 
_struct_conn.ptnr2_label_comp_id 
_struct_conn.ptnr2_label_seq_id 
_struct_conn.ptnr2_label_atom_id 
_struct_conn.pdbx_ptnr2_label_alt_id 
_struct_conn.pdbx_ptnr2_PDB_ins_code 
_struct_conn.ptnr1_auth_asym_id 
_struct_conn.ptnr1_auth_comp_id 
_struct_conn.ptnr1_auth_seq_id 
_struct_conn.ptnr2_auth_asym_id 
_struct_conn.ptnr2_auth_comp_id 
_struct_conn.ptnr2_auth_seq_id 
_struct_conn.ptnr2_symmetry 
_struct_conn.pdbx_ptnr3_label_atom_id 
_struct_conn.pdbx_ptnr3_label_seq_id 
_struct_conn.pdbx_ptnr3_label_comp_id 
_struct_conn.pdbx_ptnr3_label_asym_id 
_struct_conn.pdbx_ptnr3_label_alt_id 
_struct_conn.pdbx_ptnr3_PDB_ins_code 
_struct_conn.details 
_struct_conn.pdbx_dist_value 
_struct_conn.pdbx_value_order 
_struct_conn.pdbx_role 
covale1  covale both ? A TYR 1 C ? ? ? 1_555 A DTY 2 N ? ? A TYR 1 A DTY 2 1_555 ? ? ? ? ? ? ? 1.328 ? ? 
covale2  covale both ? A DTY 2 C ? ? ? 1_555 A TYR 3 N ? ? A DTY 2 A TYR 3 1_555 ? ? ? ? ? ? ? 1.320 ? ? 
covale3  covale both ? A TYR 3 C ? ? ? 1_555 A DTY 4 N ? ? A TYR 3 A DTY 4 1_555 ? ? ? ? ? ? ? 1.328 ? ? 
covale4  covale both ? A DTY 4 C ? ? ? 1_555 A TYR 5 N ? ? A DTY 4 A TYR 5 1_555 ? ? ? ? ? ? ? 1.314 ? ? 
covale5  covale both ? A TYR 5 C ? ? ? 1_555 A DTY 6 N ? ? A TYR 5 A DTY 6 1_555 ? ? ? ? ? ? ? 1.324 ? ? 
covale6  covale both ? A DTY 6 C ? ? ? 1_555 A TYR 7 N ? ? A DTY 6 A TYR 7 1_555 ? ? ? ? ? ? ? 1.318 ? ? 
covale7  covale both ? A TYR 7 C ? ? ? 1_555 A DTY 8 N ? ? A TYR 7 A DTY 8 1_555 ? ? ? ? ? ? ? 1.330 ? ? 
covale8  covale both ? A DTY 8 C ? ? ? 1_555 A LYS 9 N ? ? A DTY 8 A LYS 9 1_555 ? ? ? ? ? ? ? 1.331 ? ? 
covale9  covale both ? B TYR 1 C ? ? ? 1_555 B DTY 2 N ? ? B TYR 1 B DTY 2 1_555 ? ? ? ? ? ? ? 1.325 ? ? 
covale10 covale both ? B DTY 2 C ? ? ? 1_555 B TYR 3 N ? ? B DTY 2 B TYR 3 1_555 ? ? ? ? ? ? ? 1.314 ? ? 
covale11 covale both ? B TYR 3 C ? ? ? 1_555 B DTY 4 N ? ? B TYR 3 B DTY 4 1_555 ? ? ? ? ? ? ? 1.315 ? ? 
covale12 covale both ? B DTY 4 C ? ? ? 1_555 B TYR 5 N ? ? B DTY 4 B TYR 5 1_555 ? ? ? ? ? ? ? 1.320 ? ? 
covale13 covale both ? B TYR 5 C ? ? ? 1_555 B DTY 6 N ? ? B TYR 5 B DTY 6 1_555 ? ? ? ? ? ? ? 1.327 ? ? 
covale14 covale both ? B DTY 6 C ? ? ? 1_555 B TYR 7 N ? ? B DTY 6 B TYR 7 1_555 ? ? ? ? ? ? ? 1.325 ? ? 
covale15 covale both ? B TYR 7 C ? ? ? 1_555 B DTY 8 N ? ? B TYR 7 B DTY 8 1_555 ? ? ? ? ? ? ? 1.340 ? ? 
covale16 covale both ? B DTY 8 C ? ? ? 1_555 B LYS 9 N ? ? B DTY 8 B LYS 9 1_555 ? ? ? ? ? ? ? 1.335 ? ? 
# 
_struct_conn_type.id          covale 
_struct_conn_type.criteria    ? 
_struct_conn_type.reference   ? 
# 
_struct_sheet.id               A 
_struct_sheet.type             ? 
_struct_sheet.number_strands   2 
_struct_sheet.details          ? 
# 
_struct_sheet_order.sheet_id     A 
_struct_sheet_order.range_id_1   1 
_struct_sheet_order.range_id_2   2 
_struct_sheet_order.offset       ? 
_struct_sheet_order.sense        anti-parallel 
# 
loop_
_struct_sheet_range.sheet_id 
_struct_sheet_range.id 
_struct_sheet_range.beg_label_comp_id 
_struct_sheet_range.beg_label_asym_id 
_struct_sheet_range.beg_label_seq_id 
_struct_sheet_range.pdbx_beg_PDB_ins_code 
_struct_sheet_range.end_label_comp_id 
_struct_sheet_range.end_label_asym_id 
_struct_sheet_range.end_label_seq_id 
_struct_sheet_range.pdbx_end_PDB_ins_code 
_struct_sheet_range.beg_auth_comp_id 
_struct_sheet_range.beg_auth_asym_id 
_struct_sheet_range.beg_auth_seq_id 
_struct_sheet_range.end_auth_comp_id 
_struct_sheet_range.end_auth_asym_id 
_struct_sheet_range.end_auth_seq_id 
A 1 DTY A 2 ? LYS A 9 ? DTY A 2 LYS A 9 
A 2 DTY B 2 ? LYS B 9 ? DTY B 2 LYS B 9 
# 
_pdbx_struct_sheet_hbond.sheet_id                A 
_pdbx_struct_sheet_hbond.range_id_1              1 
_pdbx_struct_sheet_hbond.range_id_2              2 
_pdbx_struct_sheet_hbond.range_1_label_atom_id   N 
_pdbx_struct_sheet_hbond.range_1_label_comp_id   DTY 
_pdbx_struct_sheet_hbond.range_1_label_asym_id   A 
_pdbx_struct_sheet_hbond.range_1_label_seq_id    4 
_pdbx_struct_sheet_hbond.range_1_PDB_ins_code    ? 
_pdbx_struct_sheet_hbond.range_1_auth_atom_id    N 
_pdbx_struct_sheet_hbond.range_1_auth_comp_id    DTY 
_pdbx_struct_sheet_hbond.range_1_auth_asym_id    A 
_pdbx_struct_sheet_hbond.range_1_auth_seq_id     4 
_pdbx_struct_sheet_hbond.range_2_label_atom_id   O 
_pdbx_struct_sheet_hbond.range_2_label_comp_id   DTY 
_pdbx_struct_sheet_hbond.range_2_label_asym_id   B 
_pdbx_struct_sheet_hbond.range_2_label_seq_id    6 
_pdbx_struct_sheet_hbond.range_2_PDB_ins_code    ? 
_pdbx_struct_sheet_hbond.range_2_auth_atom_id    O 
_pdbx_struct_sheet_hbond.range_2_auth_comp_id    DTY 
_pdbx_struct_sheet_hbond.range_2_auth_asym_id    B 
_pdbx_struct_sheet_hbond.range_2_auth_seq_id     6 
# 
_pdbx_entry_details.entry_id                   1UNO 
_pdbx_entry_details.compound_details           ? 
_pdbx_entry_details.source_details             ? 
_pdbx_entry_details.nonpolymer_details         ? 
_pdbx_entry_details.sequence_details           ? 
_pdbx_entry_details.has_ligand_of_interest     ? 
_pdbx_entry_details.has_protein_modification   N 
# 
loop_
_pdbx_validate_rmsd_angle.id 
_pdbx_validate_rmsd_angle.PDB_model_num 
_pdbx_validate_rmsd_angle.auth_atom_id_1 
_pdbx_validate_rmsd_angle.auth_asym_id_1 
_pdbx_validate_rmsd_angle.auth_comp_id_1 
_pdbx_validate_rmsd_angle.auth_seq_id_1 
_pdbx_validate_rmsd_angle.PDB_ins_code_1 
_pdbx_validate_rmsd_angle.label_alt_id_1 
_pdbx_validate_rmsd_angle.auth_atom_id_2 
_pdbx_validate_rmsd_angle.auth_asym_id_2 
_pdbx_validate_rmsd_angle.auth_comp_id_2 
_pdbx_validate_rmsd_angle.auth_seq_id_2 
_pdbx_validate_rmsd_angle.PDB_ins_code_2 
_pdbx_validate_rmsd_angle.label_alt_id_2 
_pdbx_validate_rmsd_angle.auth_atom_id_3 
_pdbx_validate_rmsd_angle.auth_asym_id_3 
_pdbx_validate_rmsd_angle.auth_comp_id_3 
_pdbx_validate_rmsd_angle.auth_seq_id_3 
_pdbx_validate_rmsd_angle.PDB_ins_code_3 
_pdbx_validate_rmsd_angle.label_alt_id_3 
_pdbx_validate_rmsd_angle.angle_value 
_pdbx_validate_rmsd_angle.angle_target_value 
_pdbx_validate_rmsd_angle.angle_deviation 
_pdbx_validate_rmsd_angle.angle_standard_deviation 
_pdbx_validate_rmsd_angle.linker_flag 
1 1 CB  A DTY 6 ? ? CG  A DTY 6 ? ? CD1 A DTY 6 ? ? 117.26 121.00 -3.74 0.60 N 
2 1 CB  B DTY 2 ? ? CG  B DTY 2 ? ? CD1 B DTY 2 ? ? 124.60 121.00 3.60  0.60 N 
3 1 CB  B DTY 4 ? ? CG  B DTY 4 ? ? CD2 B DTY 4 ? ? 117.35 121.00 -3.65 0.60 N 
4 1 CG  B DTY 4 ? ? CD2 B DTY 4 ? ? CE2 B DTY 4 ? ? 115.53 121.30 -5.77 0.80 N 
5 1 CD1 B DTY 4 ? ? CE1 B DTY 4 ? ? CZ  B DTY 4 ? ? 113.48 119.80 -6.32 0.90 N 
# 
loop_
_pdbx_validate_torsion.id 
_pdbx_validate_torsion.PDB_model_num 
_pdbx_validate_torsion.auth_comp_id 
_pdbx_validate_torsion.auth_asym_id 
_pdbx_validate_torsion.auth_seq_id 
_pdbx_validate_torsion.PDB_ins_code 
_pdbx_validate_torsion.label_alt_id 
_pdbx_validate_torsion.phi 
_pdbx_validate_torsion.psi 
1 1 DTY A 2 ? ? 151.81 -84.03 
2 1 DTY A 6 ? ? 151.67 -72.75 
3 1 DTY B 2 ? ? 150.68 -89.73 
4 1 DTY B 6 ? ? 150.28 -71.96 
# 
_pdbx_molecule_features.prd_id    PRD_000107 
_pdbx_molecule_features.name      'H-(L-TYR-D-TYR)4-LYS-OH' 
_pdbx_molecule_features.type      Polypeptide 
_pdbx_molecule_features.class     Antibiotic 
_pdbx_molecule_features.details   ? 
# 
loop_
_pdbx_molecule.instance_id 
_pdbx_molecule.prd_id 
_pdbx_molecule.asym_id 
1 PRD_000107 A 
2 PRD_000107 B 
# 
loop_
_chem_comp_atom.comp_id 
_chem_comp_atom.atom_id 
_chem_comp_atom.type_symbol 
_chem_comp_atom.pdbx_aromatic_flag 
_chem_comp_atom.pdbx_stereo_config 
_chem_comp_atom.pdbx_ordinal 
DTY N   N N N 1  
DTY CA  C N R 2  
DTY C   C N N 3  
DTY O   O N N 4  
DTY CB  C N N 5  
DTY CG  C Y N 6  
DTY CD1 C Y N 7  
DTY CD2 C Y N 8  
DTY CE1 C Y N 9  
DTY CE2 C Y N 10 
DTY CZ  C Y N 11 
DTY OH  O N N 12 
DTY OXT O N N 13 
DTY H   H N N 14 
DTY H2  H N N 15 
DTY HA  H N N 16 
DTY HB2 H N N 17 
DTY HB3 H N N 18 
DTY HD1 H N N 19 
DTY HD2 H N N 20 
DTY HE1 H N N 21 
DTY HE2 H N N 22 
DTY HH  H N N 23 
DTY HXT H N N 24 
HOH O   O N N 25 
HOH H1  H N N 26 
HOH H2  H N N 27 
LYS N   N N N 28 
LYS CA  C N S 29 
LYS C   C N N 30 
LYS O   O N N 31 
LYS CB  C N N 32 
LYS CG  C N N 33 
LYS CD  C N N 34 
LYS CE  C N N 35 
LYS NZ  N N N 36 
LYS OXT O N N 37 
LYS H   H N N 38 
LYS H2  H N N 39 
LYS HA  H N N 40 
LYS HB2 H N N 41 
LYS HB3 H N N 42 
LYS HG2 H N N 43 
LYS HG3 H N N 44 
LYS HD2 H N N 45 
LYS HD3 H N N 46 
LYS HE2 H N N 47 
LYS HE3 H N N 48 
LYS HZ1 H N N 49 
LYS HZ2 H N N 50 
LYS HZ3 H N N 51 
LYS HXT H N N 52 
TYR N   N N N 53 
TYR CA  C N S 54 
TYR C   C N N 55 
TYR O   O N N 56 
TYR CB  C N N 57 
TYR CG  C Y N 58 
TYR CD1 C Y N 59 
TYR CD2 C Y N 60 
TYR CE1 C Y N 61 
TYR CE2 C Y N 62 
TYR CZ  C Y N 63 
TYR OH  O N N 64 
TYR OXT O N N 65 
TYR H   H N N 66 
TYR H2  H N N 67 
TYR HA  H N N 68 
TYR HB2 H N N 69 
TYR HB3 H N N 70 
TYR HD1 H N N 71 
TYR HD2 H N N 72 
TYR HE1 H N N 73 
TYR HE2 H N N 74 
TYR HH  H N N 75 
TYR HXT H N N 76 
# 
loop_
_chem_comp_bond.comp_id 
_chem_comp_bond.atom_id_1 
_chem_comp_bond.atom_id_2 
_chem_comp_bond.value_order 
_chem_comp_bond.pdbx_aromatic_flag 
_chem_comp_bond.pdbx_stereo_config 
_chem_comp_bond.pdbx_ordinal 
DTY N   CA  sing N N 1  
DTY N   H   sing N N 2  
DTY N   H2  sing N N 3  
DTY CA  C   sing N N 4  
DTY CA  CB  sing N N 5  
DTY CA  HA  sing N N 6  
DTY C   O   doub N N 7  
DTY C   OXT sing N N 8  
DTY CB  CG  sing N N 9  
DTY CB  HB2 sing N N 10 
DTY CB  HB3 sing N N 11 
DTY CG  CD1 doub Y N 12 
DTY CG  CD2 sing Y N 13 
DTY CD1 CE1 sing Y N 14 
DTY CD1 HD1 sing N N 15 
DTY CD2 CE2 doub Y N 16 
DTY CD2 HD2 sing N N 17 
DTY CE1 CZ  doub Y N 18 
DTY CE1 HE1 sing N N 19 
DTY CE2 CZ  sing Y N 20 
DTY CE2 HE2 sing N N 21 
DTY CZ  OH  sing N N 22 
DTY OH  HH  sing N N 23 
DTY OXT HXT sing N N 24 
HOH O   H1  sing N N 25 
HOH O   H2  sing N N 26 
LYS N   CA  sing N N 27 
LYS N   H   sing N N 28 
LYS N   H2  sing N N 29 
LYS CA  C   sing N N 30 
LYS CA  CB  sing N N 31 
LYS CA  HA  sing N N 32 
LYS C   O   doub N N 33 
LYS C   OXT sing N N 34 
LYS CB  CG  sing N N 35 
LYS CB  HB2 sing N N 36 
LYS CB  HB3 sing N N 37 
LYS CG  CD  sing N N 38 
LYS CG  HG2 sing N N 39 
LYS CG  HG3 sing N N 40 
LYS CD  CE  sing N N 41 
LYS CD  HD2 sing N N 42 
LYS CD  HD3 sing N N 43 
LYS CE  NZ  sing N N 44 
LYS CE  HE2 sing N N 45 
LYS CE  HE3 sing N N 46 
LYS NZ  HZ1 sing N N 47 
LYS NZ  HZ2 sing N N 48 
LYS NZ  HZ3 sing N N 49 
LYS OXT HXT sing N N 50 
TYR N   CA  sing N N 51 
TYR N   H   sing N N 52 
TYR N   H2  sing N N 53 
TYR CA  C   sing N N 54 
TYR CA  CB  sing N N 55 
TYR CA  HA  sing N N 56 
TYR C   O   doub N N 57 
TYR C   OXT sing N N 58 
TYR CB  CG  sing N N 59 
TYR CB  HB2 sing N N 60 
TYR CB  HB3 sing N N 61 
TYR CG  CD1 doub Y N 62 
TYR CG  CD2 sing Y N 63 
TYR CD1 CE1 sing Y N 64 
TYR CD1 HD1 sing N N 65 
TYR CD2 CE2 doub Y N 66 
TYR CD2 HD2 sing N N 67 
TYR CE1 CZ  doub Y N 68 
TYR CE1 HE1 sing N N 69 
TYR CE2 CZ  sing Y N 70 
TYR CE2 HE2 sing N N 71 
TYR CZ  OH  sing N N 72 
TYR OH  HH  sing N N 73 
TYR OXT HXT sing N N 74 
# 
_atom_sites.entry_id                    1UNO 
_atom_sites.fract_transf_matrix[1][1]   0.01882262 
_atom_sites.fract_transf_matrix[1][2]   0.01861793 
_atom_sites.fract_transf_matrix[1][3]   -0.02398958 
_atom_sites.fract_transf_matrix[2][1]   0.02588281 
_atom_sites.fract_transf_matrix[2][2]   0.00492441 
_atom_sites.fract_transf_matrix[2][3]   0.02412984 
_atom_sites.fract_transf_matrix[3][1]   0.00563151 
_atom_sites.fract_transf_matrix[3][2]   -0.01067087 
_atom_sites.fract_transf_matrix[3][3]   -0.00386292 
_atom_sites.fract_transf_vector[1]      0.426739 
_atom_sites.fract_transf_vector[2]      0.969379 
_atom_sites.fract_transf_vector[3]      0.391503 
# 
loop_
_atom_type.symbol 
C 
N 
O 
# 
loop_
_atom_site.group_PDB 
_atom_site.id 
_atom_site.type_symbol 
_atom_site.label_atom_id 
_atom_site.label_alt_id 
_atom_site.label_comp_id 
_atom_site.label_asym_id 
_atom_site.label_entity_id 
_atom_site.label_seq_id 
_atom_site.pdbx_PDB_ins_code 
_atom_site.Cartn_x 
_atom_site.Cartn_y 
_atom_site.Cartn_z 
_atom_site.occupancy 
_atom_site.B_iso_or_equiv 
_atom_site.pdbx_formal_charge 
_atom_site.auth_seq_id 
_atom_site.auth_comp_id 
_atom_site.auth_asym_id 
_atom_site.auth_atom_id 
_atom_site.pdbx_PDB_model_num 
ATOM   1   N N   . TYR A 1 1 ? -5.416 9.480   -0.047  1.00 15.09 ? 1    TYR A N   1 
ATOM   2   C CA  . TYR A 1 1 ? -4.298 9.129   -0.950  1.00 13.05 ? 1    TYR A CA  1 
ATOM   3   C C   . TYR A 1 1 ? -3.005 9.229   -0.161  1.00 12.51 ? 1    TYR A C   1 
ATOM   4   O O   . TYR A 1 1 ? -2.636 10.319  0.304   1.00 12.17 ? 1    TYR A O   1 
ATOM   5   C CB  . TYR A 1 1 ? -4.233 10.081  -2.160  1.00 14.92 ? 1    TYR A CB  1 
ATOM   6   C CG  . TYR A 1 1 ? -3.029 9.866   -3.057  1.00 18.60 ? 1    TYR A CG  1 
ATOM   7   C CD1 . TYR A 1 1 ? -3.101 8.912   -4.081  1.00 31.23 ? 1    TYR A CD1 1 
ATOM   8   C CD2 . TYR A 1 1 ? -1.852 10.583  -2.925  1.00 20.04 ? 1    TYR A CD2 1 
ATOM   9   C CE1 . TYR A 1 1 ? -2.013 8.699   -4.918  1.00 31.56 ? 1    TYR A CE1 1 
ATOM   10  C CE2 . TYR A 1 1 ? -0.758 10.375  -3.749  1.00 24.79 ? 1    TYR A CE2 1 
ATOM   11  C CZ  . TYR A 1 1 ? -0.856 9.428   -4.743  1.00 35.90 ? 1    TYR A CZ  1 
ATOM   12  O OH  . TYR A 1 1 ? 0.227  9.226   -5.570  1.00 39.43 ? 1    TYR A OH  1 
HETATM 13  N N   . DTY A 1 2 ? -2.282 8.122   -0.040  1.00 9.71  ? 2    DTY A N   1 
HETATM 14  C CA  . DTY A 1 2 ? -1.038 8.206   0.734   1.00 10.86 ? 2    DTY A CA  1 
HETATM 15  C C   . DTY A 1 2 ? -0.800 6.810   1.315   1.00 10.10 ? 2    DTY A C   1 
HETATM 16  O O   . DTY A 1 2 ? -0.115 5.956   0.766   1.00 11.31 ? 2    DTY A O   1 
HETATM 17  C CB  . DTY A 1 2 ? 0.142  8.628   -0.110  1.00 11.48 ? 2    DTY A CB  1 
HETATM 18  C CG  . DTY A 1 2 ? 1.320  8.993   0.785   1.00 16.30 ? 2    DTY A CG  1 
HETATM 19  C CD1 . DTY A 1 2 ? 1.274  10.174  1.522   1.00 20.30 ? 2    DTY A CD1 1 
HETATM 20  C CD2 . DTY A 1 2 ? 2.430  8.163   0.883   1.00 22.63 ? 2    DTY A CD2 1 
HETATM 21  C CE1 . DTY A 1 2 ? 2.308  10.564  2.346   1.00 27.74 ? 2    DTY A CE1 1 
HETATM 22  C CE2 . DTY A 1 2 ? 3.463  8.564   1.724   1.00 29.28 ? 2    DTY A CE2 1 
HETATM 23  C CZ  . DTY A 1 2 ? 3.416  9.735   2.437   1.00 27.58 ? 2    DTY A CZ  1 
HETATM 24  O OH  . DTY A 1 2 ? 4.439  10.131  3.268   1.00 33.01 ? 2    DTY A OH  1 
ATOM   25  N N   . TYR A 1 3 ? -1.461 6.605   2.439   1.00 9.49  ? 3    TYR A N   1 
ATOM   26  C CA  . TYR A 1 3 ? -1.481 5.322   3.104   1.00 9.27  ? 3    TYR A CA  1 
ATOM   27  C C   . TYR A 1 3 ? -2.772 4.571   2.815   1.00 9.36  ? 3    TYR A C   1 
ATOM   28  O O   . TYR A 1 3 ? -3.863 5.111   2.639   1.00 9.92  ? 3    TYR A O   1 
ATOM   29  C CB  . TYR A 1 3 ? -1.349 5.523   4.623   1.00 8.93  ? 3    TYR A CB  1 
ATOM   30  C CG  . TYR A 1 3 ? -0.011 6.132   4.945   1.00 11.26 ? 3    TYR A CG  1 
ATOM   31  C CD1 . TYR A 1 3 ? 0.192  7.498   5.059   1.00 13.22 ? 3    TYR A CD1 1 
ATOM   32  C CD2 . TYR A 1 3 ? 1.087  5.295   5.116   1.00 15.32 ? 3    TYR A CD2 1 
ATOM   33  C CE1 . TYR A 1 3 ? 1.443  8.009   5.353   1.00 16.59 ? 3    TYR A CE1 1 
ATOM   34  C CE2 . TYR A 1 3 ? 2.343  5.791   5.404   1.00 16.54 ? 3    TYR A CE2 1 
ATOM   35  C CZ  . TYR A 1 3 ? 2.505  7.153   5.523   1.00 15.94 ? 3    TYR A CZ  1 
ATOM   36  O OH  . TYR A 1 3 ? 3.768  7.605   5.801   1.00 19.75 ? 3    TYR A OH  1 
HETATM 37  N N   . DTY A 1 4 ? -2.621 3.252   2.852   1.00 9.49  ? 4    DTY A N   1 
HETATM 38  C CA  . DTY A 1 4 ? -3.783 2.388   2.710   1.00 9.94  ? 4    DTY A CA  1 
HETATM 39  C C   . DTY A 1 4 ? -3.398 1.086   2.039   1.00 10.73 ? 4    DTY A C   1 
HETATM 40  O O   . DTY A 1 4 ? -2.430 0.449   2.486   1.00 12.16 ? 4    DTY A O   1 
HETATM 41  C CB  . DTY A 1 4 ? -4.381 2.055   4.075   1.00 10.80 ? 4    DTY A CB  1 
HETATM 42  C CG  . DTY A 1 4 ? -5.517 1.062   3.935   1.00 11.90 ? 4    DTY A CG  1 
HETATM 43  C CD1 . DTY A 1 4 ? -6.691 1.467   3.312   1.00 13.32 ? 4    DTY A CD1 1 
HETATM 44  C CD2 . DTY A 1 4 ? -5.377 -0.219  4.455   1.00 13.55 ? 4    DTY A CD2 1 
HETATM 45  C CE1 . DTY A 1 4 ? -7.741 0.558   3.192   1.00 15.49 ? 4    DTY A CE1 1 
HETATM 46  C CE2 . DTY A 1 4 ? -6.426 -1.143  4.341   1.00 15.12 ? 4    DTY A CE2 1 
HETATM 47  C CZ  . DTY A 1 4 ? -7.576 -0.707  3.712   1.00 15.51 ? 4    DTY A CZ  1 
HETATM 48  O OH  . DTY A 1 4 ? -8.634 -1.578  3.557   1.00 17.20 ? 4    DTY A OH  1 
ATOM   49  N N   . TYR A 1 5 ? -4.141 0.755   1.007   1.00 9.15  ? 5    TYR A N   1 
ATOM   50  C CA  . TYR A 1 5 ? -3.987 -0.513  0.310   1.00 8.45  ? 5    TYR A CA  1 
ATOM   51  C C   . TYR A 1 5 ? -3.456 -0.255  -1.077  1.00 9.57  ? 5    TYR A C   1 
ATOM   52  O O   . TYR A 1 5 ? -3.908 0.660   -1.777  1.00 10.37 ? 5    TYR A O   1 
ATOM   53  C CB  . TYR A 1 5 ? -5.374 -1.180  0.261   1.00 9.36  ? 5    TYR A CB  1 
ATOM   54  C CG  . TYR A 1 5 ? -5.393 -2.406  -0.597  1.00 11.41 ? 5    TYR A CG  1 
ATOM   55  C CD1 . TYR A 1 5 ? -4.746 -3.608  -0.231  1.00 11.90 ? 5    TYR A CD1 1 
ATOM   56  C CD2 . TYR A 1 5 ? -6.073 -2.361  -1.802  1.00 14.63 ? 5    TYR A CD2 1 
ATOM   57  C CE1 . TYR A 1 5 ? -4.817 -4.704  -1.081  1.00 15.92 ? 5    TYR A CE1 1 
ATOM   58  C CE2 . TYR A 1 5 ? -6.125 -3.467  -2.648  1.00 15.99 ? 5    TYR A CE2 1 
ATOM   59  C CZ  . TYR A 1 5 ? -5.490 -4.608  -2.281  1.00 16.70 ? 5    TYR A CZ  1 
ATOM   60  O OH  . TYR A 1 5 ? -5.560 -5.702  -3.129  1.00 22.30 ? 5    TYR A OH  1 
HETATM 61  N N   . DTY A 1 6 ? -2.531 -1.086  -1.529  1.00 9.80  ? 6    DTY A N   1 
HETATM 62  C CA  . DTY A 1 6 ? -1.985 -1.007  -2.882  1.00 11.12 ? 6    DTY A CA  1 
HETATM 63  C C   . DTY A 1 6 ? -0.569 -1.556  -2.837  1.00 10.75 ? 6    DTY A C   1 
HETATM 64  O O   . DTY A 1 6 ? -0.315 -2.635  -3.381  1.00 11.65 ? 6    DTY A O   1 
HETATM 65  C CB  . DTY A 1 6 ? -2.844 -1.803  -3.844  1.00 13.45 ? 6    DTY A CB  1 
HETATM 66  C CG  . DTY A 1 6 ? -2.755 -1.378  -5.298  1.00 18.24 ? 6    DTY A CG  1 
HETATM 67  C CD1 . DTY A 1 6 ? -3.951 -1.357  -6.036  1.00 30.99 ? 6    DTY A CD1 1 
HETATM 68  C CD2 . DTY A 1 6 ? -1.581 -1.011  -5.910  1.00 17.50 ? 6    DTY A CD2 1 
HETATM 69  C CE1 . DTY A 1 6 ? -3.903 -0.970  -7.364  1.00 30.98 ? 6    DTY A CE1 1 
HETATM 70  C CE2 . DTY A 1 6 ? -1.511 -0.629  -7.225  1.00 23.88 ? 6    DTY A CE2 1 
HETATM 71  C CZ  . DTY A 1 6 ? -2.702 -0.616  -7.930  1.00 37.14 ? 6    DTY A CZ  1 
HETATM 72  O OH  . DTY A 1 6 ? -2.670 -0.229  -9.254  1.00 52.81 ? 6    DTY A OH  1 
ATOM   73  N N   . TYR A 1 7 ? 0.313  -0.771  -2.251  1.00 9.80  ? 7    TYR A N   1 
ATOM   74  C CA  . TYR A 1 7 ? 1.714  -1.135  -2.182  1.00 9.82  ? 7    TYR A CA  1 
ATOM   75  C C   . TYR A 1 7 ? 2.135  -1.372  -0.750  1.00 9.44  ? 7    TYR A C   1 
ATOM   76  O O   . TYR A 1 7 ? 1.751  -0.678  0.173   1.00 10.64 ? 7    TYR A O   1 
ATOM   77  C CB  . TYR A 1 7 ? 2.625  -0.010  -2.744  1.00 10.95 ? 7    TYR A CB  1 
ATOM   78  C CG  . TYR A 1 7 ? 2.257  0.239   -4.187  1.00 15.14 ? 7    TYR A CG  1 
ATOM   79  C CD1 . TYR A 1 7 ? 2.629  -0.653  -5.173  1.00 17.30 ? 7    TYR A CD1 1 
ATOM   80  C CD2 . TYR A 1 7 ? 1.525  1.382   -4.500  1.00 18.23 ? 7    TYR A CD2 1 
ATOM   81  C CE1 . TYR A 1 7 ? 2.270  -0.398  -6.498  1.00 20.55 ? 7    TYR A CE1 1 
ATOM   82  C CE2 . TYR A 1 7 ? 1.161  1.627   -5.826  1.00 25.17 ? 7    TYR A CE2 1 
ATOM   83  C CZ  . TYR A 1 7 ? 1.539  0.733   -6.799  1.00 27.64 ? 7    TYR A CZ  1 
ATOM   84  O OH  . TYR A 1 7 ? 1.194  0.967   -8.119  1.00 29.97 ? 7    TYR A OH  1 
HETATM 85  N N   . DTY A 1 8 ? 2.996  -2.378  -0.625  1.00 10.32 ? 8    DTY A N   1 
HETATM 86  C CA  . DTY A 1 8 ? 3.620  -2.591  0.685   1.00 11.05 ? 8    DTY A CA  1 
HETATM 87  C C   . DTY A 1 8 ? 3.862  -4.080  0.859   1.00 10.01 ? 8    DTY A C   1 
HETATM 88  O O   . DTY A 1 8 ? 4.691  -4.667  0.141   1.00 10.54 ? 8    DTY A O   1 
HETATM 89  C CB  . DTY A 1 8 ? 4.943  -1.818  0.757   1.00 11.06 ? 8    DTY A CB  1 
HETATM 90  C CG  . DTY A 1 8 ? 5.542  -1.949  2.144   1.00 9.58  ? 8    DTY A CG  1 
HETATM 91  C CD1 . DTY A 1 8 ? 6.574  -2.841  2.376   1.00 12.73 ? 8    DTY A CD1 1 
HETATM 92  C CD2 . DTY A 1 8 ? 5.047  -1.172  3.194   1.00 12.01 ? 8    DTY A CD2 1 
HETATM 93  C CE1 . DTY A 1 8 ? 7.147  -2.993  3.624   1.00 11.83 ? 8    DTY A CE1 1 
HETATM 94  C CE2 . DTY A 1 8 ? 5.609  -1.309  4.461   1.00 13.89 ? 8    DTY A CE2 1 
HETATM 95  C CZ  . DTY A 1 8 ? 6.649  -2.225  4.638   1.00 11.96 ? 8    DTY A CZ  1 
HETATM 96  O OH  . DTY A 1 8 ? 7.213  -2.359  5.904   1.00 13.92 ? 8    DTY A OH  1 
ATOM   97  N N   . LYS A 1 9 ? 3.139  -4.695  1.792   1.00 9.52  ? 9    LYS A N   1 
ATOM   98  C CA  . LYS A 1 9 ? 3.331  -6.140  2.037   1.00 8.77  ? 9    LYS A CA  1 
ATOM   99  C C   . LYS A 1 9 ? 2.094  -6.745  2.647   1.00 10.73 ? 9    LYS A C   1 
ATOM   100 O O   . LYS A 1 9 ? 1.150  -6.000  2.970   1.00 11.22 ? 9    LYS A O   1 
ATOM   101 C CB  . LYS A 1 9 ? 4.539  -6.312  2.976   1.00 12.08 ? 9    LYS A CB  1 
ATOM   102 C CG  . LYS A 1 9 ? 4.282  -5.778  4.393   1.00 10.53 ? 9    LYS A CG  1 
ATOM   103 C CD  . LYS A 1 9 ? 5.537  -5.968  5.249   1.00 12.26 ? 9    LYS A CD  1 
ATOM   104 C CE  . LYS A 1 9 ? 5.364  -5.440  6.665   1.00 13.12 ? 9    LYS A CE  1 
ATOM   105 N NZ  . LYS A 1 9 ? 4.349  -6.261  7.411   1.00 14.28 ? 9    LYS A NZ  1 
ATOM   106 O OXT . LYS A 1 9 ? 2.082  -7.919  2.802   1.00 11.65 ? 9    LYS A OXT 1 
ATOM   107 N N   . TYR B 1 1 ? 6.775  -8.297  -0.720  1.00 11.75 ? 1    TYR B N   1 
ATOM   108 C CA  . TYR B 1 1 ? 7.173  -6.871  -0.701  1.00 9.50  ? 1    TYR B CA  1 
ATOM   109 C C   . TYR B 1 1 ? 6.956  -6.323  -2.091  1.00 10.31 ? 1    TYR B C   1 
ATOM   110 O O   . TYR B 1 1 ? 7.575  -6.773  -3.070  1.00 10.50 ? 1    TYR B O   1 
ATOM   111 C CB  . TYR B 1 1 ? 8.653  -6.679  -0.309  1.00 8.79  ? 1    TYR B CB  1 
ATOM   112 C CG  . TYR B 1 1 ? 8.897  -7.149  1.121   1.00 10.57 ? 1    TYR B CG  1 
ATOM   113 C CD1 . TYR B 1 1 ? 9.380  -8.436  1.388   1.00 12.67 ? 1    TYR B CD1 1 
ATOM   114 C CD2 . TYR B 1 1 ? 8.627  -6.305  2.181   1.00 12.19 ? 1    TYR B CD2 1 
ATOM   115 C CE1 . TYR B 1 1 ? 9.594  -8.832  2.717   1.00 15.06 ? 1    TYR B CE1 1 
ATOM   116 C CE2 . TYR B 1 1 ? 8.826  -6.677  3.486   1.00 11.85 ? 1    TYR B CE2 1 
ATOM   117 C CZ  . TYR B 1 1 ? 9.302  -7.947  3.745   1.00 16.47 ? 1    TYR B CZ  1 
ATOM   118 O OH  . TYR B 1 1 ? 9.507  -8.332  5.056   1.00 14.45 ? 1    TYR B OH  1 
HETATM 119 N N   . DTY B 1 2 ? 6.072  -5.343  -2.207  1.00 9.79  ? 2    DTY B N   1 
HETATM 120 C CA  . DTY B 1 2 ? 5.728  -4.850  -3.540  1.00 9.97  ? 2    DTY B CA  1 
HETATM 121 C C   . DTY B 1 2 ? 4.273  -4.357  -3.394  1.00 10.32 ? 2    DTY B C   1 
HETATM 122 O O   . DTY B 1 2 ? 4.061  -3.191  -3.039  1.00 10.41 ? 2    DTY B O   1 
HETATM 123 C CB  . DTY B 1 2 ? 6.649  -3.757  -4.029  1.00 14.77 ? 2    DTY B CB  1 
HETATM 124 C CG  . DTY B 1 2 ? 6.512  -3.464  -5.528  1.00 20.88 ? 2    DTY B CG  1 
HETATM 125 C CD1 . DTY B 1 2 ? 5.377  -2.950  -6.127  1.00 31.05 ? 2    DTY B CD1 1 
HETATM 126 C CD2 . DTY B 1 2 ? 7.616  -3.701  -6.359  1.00 36.48 ? 2    DTY B CD2 1 
HETATM 127 C CE1 . DTY B 1 2 ? 5.271  -2.684  -7.480  1.00 27.63 ? 2    DTY B CE1 1 
HETATM 128 C CE2 . DTY B 1 2 ? 7.546  -3.440  -7.723  1.00 33.35 ? 2    DTY B CE2 1 
HETATM 129 C CZ  . DTY B 1 2 ? 6.380  -2.939  -8.250  1.00 26.78 ? 2    DTY B CZ  1 
HETATM 130 O OH  . DTY B 1 2 ? 6.259  -2.677  -9.594  1.00 39.98 ? 2    DTY B OH  1 
ATOM   131 N N   . TYR B 1 3 ? 3.414  -5.318  -3.649  1.00 9.80  ? 3    TYR B N   1 
ATOM   132 C CA  . TYR B 1 3 ? 1.983  -5.057  -3.457  1.00 10.80 ? 3    TYR B CA  1 
ATOM   133 C C   . TYR B 1 3 ? 1.534  -5.475  -2.060  1.00 10.82 ? 3    TYR B C   1 
ATOM   134 O O   . TYR B 1 3 ? 2.113  -6.371  -1.408  1.00 10.55 ? 3    TYR B O   1 
ATOM   135 C CB  . TYR B 1 3 ? 1.179  -5.817  -4.510  1.00 12.47 ? 3    TYR B CB  1 
ATOM   136 C CG  . TYR B 1 3 ? 1.475  -5.223  -5.882  1.00 13.69 ? 3    TYR B CG  1 
ATOM   137 C CD1 . TYR B 1 3 ? 2.346  -5.858  -6.734  1.00 18.08 ? 3    TYR B CD1 1 
ATOM   138 C CD2 . TYR B 1 3 ? 0.851  -4.059  -6.275  1.00 15.17 ? 3    TYR B CD2 1 
ATOM   139 C CE1 . TYR B 1 3 ? 2.573  -5.286  -7.970  1.00 20.49 ? 3    TYR B CE1 1 
ATOM   140 C CE2 . TYR B 1 3 ? 1.082  -3.478  -7.500  1.00 19.15 ? 3    TYR B CE2 1 
ATOM   141 C CZ  . TYR B 1 3 ? 1.957  -4.117  -8.337  1.00 20.80 ? 3    TYR B CZ  1 
ATOM   142 O OH  . TYR B 1 3 ? 2.216  -3.572  -9.574  1.00 26.15 ? 3    TYR B OH  1 
HETATM 143 N N   . DTY B 1 4 ? 0.457  -4.846  -1.641  1.00 9.74  ? 4    DTY B N   1 
HETATM 144 C CA  . DTY B 1 4 ? -0.133 -5.216  -0.378  1.00 9.81  ? 4    DTY B CA  1 
HETATM 145 C C   . DTY B 1 4 ? -0.514 -3.970  0.381   1.00 9.79  ? 4    DTY B C   1 
HETATM 146 O O   . DTY B 1 4 ? -1.051 -3.049  -0.249  1.00 11.89 ? 4    DTY B O   1 
HETATM 147 C CB  . DTY B 1 4 ? -1.422 -6.013  -0.602  1.00 13.47 ? 4    DTY B CB  1 
HETATM 148 C CG  . DTY B 1 4 ? -1.214 -7.466  -1.003  1.00 10.93 ? 4    DTY B CG  1 
HETATM 149 C CD1 . DTY B 1 4 ? -0.750 -8.363  -0.080  1.00 13.22 ? 4    DTY B CD1 1 
HETATM 150 C CD2 . DTY B 1 4 ? -1.524 -7.814  -2.293  1.00 15.90 ? 4    DTY B CD2 1 
HETATM 151 C CE1 . DTY B 1 4 ? -0.543 -9.705  -0.373  1.00 15.72 ? 4    DTY B CE1 1 
HETATM 152 C CE2 . DTY B 1 4 ? -1.323 -9.156  -2.618  1.00 19.80 ? 4    DTY B CE2 1 
HETATM 153 C CZ  . DTY B 1 4 ? -0.851 -10.037 -1.678  1.00 18.44 ? 4    DTY B CZ  1 
HETATM 154 O OH  . DTY B 1 4 ? -0.677 -11.371 -2.027  1.00 23.79 ? 4    DTY B OH  1 
ATOM   155 N N   . TYR B 1 5 ? -0.271 -3.970  1.679   1.00 8.46  ? 5    TYR B N   1 
ATOM   156 C CA  . TYR B 1 5 ? -0.787 -2.890  2.514   1.00 8.97  ? 5    TYR B CA  1 
ATOM   157 C C   . TYR B 1 5 ? 0.321  -1.963  2.930   1.00 8.91  ? 5    TYR B C   1 
ATOM   158 O O   . TYR B 1 5 ? 1.422  -2.430  3.167   1.00 9.44  ? 5    TYR B O   1 
ATOM   159 C CB  . TYR B 1 5 ? -1.396 -3.498  3.798   1.00 10.26 ? 5    TYR B CB  1 
ATOM   160 C CG  . TYR B 1 5 ? -2.605 -4.347  3.471   1.00 9.50  ? 5    TYR B CG  1 
ATOM   161 C CD1 . TYR B 1 5 ? -3.861 -3.734  3.459   1.00 14.42 ? 5    TYR B CD1 1 
ATOM   162 C CD2 . TYR B 1 5 ? -2.484 -5.673  3.197   1.00 13.10 ? 5    TYR B CD2 1 
ATOM   163 C CE1 . TYR B 1 5 ? -4.973 -4.502  3.155   1.00 16.58 ? 5    TYR B CE1 1 
ATOM   164 C CE2 . TYR B 1 5 ? -3.596 -6.446  2.899   1.00 17.20 ? 5    TYR B CE2 1 
ATOM   165 C CZ  . TYR B 1 5 ? -4.841 -5.840  2.892   1.00 16.60 ? 5    TYR B CZ  1 
ATOM   166 O OH  . TYR B 1 5 ? -5.943 -6.631  2.581   1.00 16.97 ? 5    TYR B OH  1 
HETATM 167 N N   . DTY B 1 6 ? 0.013  -0.676  3.026   1.00 8.83  ? 6    DTY B N   1 
HETATM 168 C CA  . DTY B 1 6 ? 1.004  0.293   3.465   1.00 9.01  ? 6    DTY B CA  1 
HETATM 169 C C   . DTY B 1 6 ? 0.655  1.609   2.794   1.00 8.74  ? 6    DTY B C   1 
HETATM 170 O O   . DTY B 1 6 ? 0.131  2.531   3.441   1.00 9.61  ? 6    DTY B O   1 
HETATM 171 C CB  . DTY B 1 6 ? 0.926  0.429   4.983   1.00 10.27 ? 6    DTY B CB  1 
HETATM 172 C CG  . DTY B 1 6 ? 2.033  1.196   5.637   1.00 10.22 ? 6    DTY B CG  1 
HETATM 173 C CD1 . DTY B 1 6 ? 1.929  1.437   7.021   1.00 11.44 ? 6    DTY B CD1 1 
HETATM 174 C CD2 . DTY B 1 6 ? 3.134  1.678   4.953   1.00 12.23 ? 6    DTY B CD2 1 
HETATM 175 C CE1 . DTY B 1 6 ? 2.959  2.141   7.617   1.00 14.48 ? 6    DTY B CE1 1 
HETATM 176 C CE2 . DTY B 1 6 ? 4.158  2.392   5.552   1.00 15.21 ? 6    DTY B CE2 1 
HETATM 177 C CZ  . DTY B 1 6 ? 4.024  2.605   6.929   1.00 18.14 ? 6    DTY B CZ  1 
HETATM 178 O OH  . DTY B 1 6 ? 5.026  3.294   7.552   1.00 18.83 ? 6    DTY B OH  1 
ATOM   179 N N   . TYR B 1 7 ? 0.912  1.623   1.493   1.00 9.01  ? 7    TYR B N   1 
ATOM   180 C CA  . TYR B 1 7 ? 0.702  2.825   0.711   1.00 9.84  ? 7    TYR B CA  1 
ATOM   181 C C   . TYR B 1 7 ? -0.384 2.599   -0.321  1.00 9.83  ? 7    TYR B C   1 
ATOM   182 O O   . TYR B 1 7 ? -0.571 1.529   -0.905  1.00 11.30 ? 7    TYR B O   1 
ATOM   183 C CB  . TYR B 1 7 ? 1.970  3.260   -0.017  1.00 10.78 ? 7    TYR B CB  1 
ATOM   184 C CG  . TYR B 1 7 ? 3.147  3.508   0.916   1.00 11.61 ? 7    TYR B CG  1 
ATOM   185 C CD1 . TYR B 1 7 ? 4.166  2.550   1.021   1.00 14.66 ? 7    TYR B CD1 1 
ATOM   186 C CD2 . TYR B 1 7 ? 3.165  4.672   1.658   1.00 13.52 ? 7    TYR B CD2 1 
ATOM   187 C CE1 . TYR B 1 7 ? 5.209  2.831   1.902   1.00 18.96 ? 7    TYR B CE1 1 
ATOM   188 C CE2 . TYR B 1 7 ? 4.219  4.930   2.533   1.00 14.98 ? 7    TYR B CE2 1 
ATOM   189 C CZ  . TYR B 1 7 ? 5.221  3.993   2.628   1.00 18.08 ? 7    TYR B CZ  1 
ATOM   190 O OH  . TYR B 1 7 ? 6.278  4.255   3.493   1.00 19.53 ? 7    TYR B OH  1 
HETATM 191 N N   . DTY B 1 8 ? -1.114 3.690   -0.584  1.00 9.16  ? 8    DTY B N   1 
HETATM 192 C CA  . DTY B 1 8 ? -2.124 3.582   -1.617  1.00 10.16 ? 8    DTY B CA  1 
HETATM 193 C C   . DTY B 1 8 ? -3.310 4.420   -1.196  1.00 10.46 ? 8    DTY B C   1 
HETATM 194 O O   . DTY B 1 8 ? -3.165 5.632   -1.019  1.00 11.35 ? 8    DTY B O   1 
HETATM 195 C CB  . DTY B 1 8 ? -1.562 4.057   -2.979  1.00 12.08 ? 8    DTY B CB  1 
HETATM 196 C CG  . DTY B 1 8 ? -2.602 3.945   -4.064  1.00 14.06 ? 8    DTY B CG  1 
HETATM 197 C CD1 . DTY B 1 8 ? -3.394 5.045   -4.422  1.00 13.86 ? 8    DTY B CD1 1 
HETATM 198 C CD2 . DTY B 1 8 ? -2.809 2.738   -4.706  1.00 19.69 ? 8    DTY B CD2 1 
HETATM 199 C CE1 . DTY B 1 8 ? -4.347 4.898   -5.422  1.00 19.18 ? 8    DTY B CE1 1 
HETATM 200 C CE2 . DTY B 1 8 ? -3.759 2.592   -5.700  1.00 23.52 ? 8    DTY B CE2 1 
HETATM 201 C CZ  . DTY B 1 8 ? -4.519 3.685   -6.048  1.00 29.83 ? 8    DTY B CZ  1 
HETATM 202 O OH  . DTY B 1 8 ? -5.471 3.519   -7.049  1.00 32.94 ? 8    DTY B OH  1 
ATOM   203 N N   . LYS B 1 9 ? -4.461 3.775   -0.993  1.00 10.95 ? 9    LYS B N   1 
ATOM   204 C CA  . LYS B 1 9 ? -5.638 4.525   -0.566  1.00 8.93  ? 9    LYS B CA  1 
ATOM   205 C C   . LYS B 1 9 ? -6.579 3.559   0.125   1.00 12.20 ? 9    LYS B C   1 
ATOM   206 O O   . LYS B 1 9 ? -6.285 2.356   0.189   1.00 11.59 ? 9    LYS B O   1 
ATOM   207 C CB  . LYS B 1 9 ? -6.330 5.223   -1.750  1.00 10.04 ? 9    LYS B CB  1 
ATOM   208 C CG  . LYS B 1 9 ? -6.945 4.194   -2.697  1.00 13.84 ? 9    LYS B CG  1 
ATOM   209 C CD  . LYS B 1 9 ? -7.534 4.949   -3.908  1.00 18.78 ? 9    LYS B CD  1 
ATOM   210 C CE  . LYS B 1 9 ? -8.103 3.951   -4.925  1.00 23.84 ? 9    LYS B CE  1 
ATOM   211 N NZ  . LYS B 1 9 ? -9.249 3.229   -4.312  1.00 25.70 ? 9    LYS B NZ  1 
ATOM   212 O OXT . LYS B 1 9 ? -7.665 4.006   0.635   1.00 11.93 ? 9    LYS B OXT 1 
HETATM 213 O O   . HOH C 2 . ? 7.060  8.261   3.531   1.00 49.43 ? 2001 HOH A O   1 
HETATM 214 O O   . HOH C 2 . ? -9.222 -1.510  0.587   1.00 16.53 ? 2002 HOH A O   1 
HETATM 215 O O   . HOH C 2 . ? -5.946 0.770   -3.684  1.00 18.79 ? 2003 HOH A O   1 
HETATM 216 O O   . HOH C 2 . ? 0.202  -6.688  5.377   1.00 22.59 ? 2004 HOH A O   1 
HETATM 217 O O   . HOH C 2 . ? -0.020 -9.725  3.056   1.00 28.55 ? 2005 HOH A O   1 
HETATM 218 O O   . HOH C 2 . ? 3.015  -9.660  4.780   1.00 31.21 ? 2006 HOH A O   1 
HETATM 219 O O   . HOH C 2 . ? 5.658  -8.905  7.343   1.00 18.36 ? 2007 HOH A O   1 
HETATM 220 O O   . HOH C 2 . ? 3.441  -9.696  1.169   1.00 15.42 ? 2008 HOH A O   1 
HETATM 221 O O   . HOH C 2 . ? 1.704  -5.403  6.776   1.00 23.00 ? 2009 HOH A O   1 
HETATM 222 O O   . HOH D 2 . ? 11.816 -9.465  5.588   1.00 21.42 ? 2001 HOH B O   1 
HETATM 223 O O   . HOH D 2 . ? 1.691  -11.660 1.856   1.00 22.81 ? 2002 HOH B O   1 
HETATM 224 O O   . HOH D 2 . ? 1.180  -1.111  -10.281 1.00 35.00 ? 2003 HOH B O   1 
HETATM 225 O O   . HOH D 2 . ? 0.951  -12.934 -0.533  1.00 29.41 ? 2004 HOH B O   1 
HETATM 226 O O   . HOH D 2 . ? 2.201  -2.892  5.767   1.00 18.87 ? 2005 HOH B O   1 
HETATM 227 O O   . HOH D 2 . ? 7.390  1.978   7.426   1.00 24.33 ? 2006 HOH B O   1 
HETATM 228 O O   . HOH D 2 . ? 5.904  5.857   5.658   1.00 29.80 ? 2007 HOH B O   1 
HETATM 229 O O   . HOH D 2 . ? -8.364 0.867   -0.452  1.00 17.67 ? 2008 HOH B O   1 
HETATM 230 O O   . HOH D 2 . ? -8.159 0.958   -2.992  1.00 25.89 ? 2009 HOH B O   1 
HETATM 231 O O   . HOH D 2 . ? -8.088 6.670   1.047   1.00 14.08 ? 2010 HOH B O   1 
# 
